data_1WL6
#
_entry.id   1WL6
#
_cell.length_a   177.733
_cell.length_b   177.733
_cell.length_c   96.484
_cell.angle_alpha   90.00
_cell.angle_beta   90.00
_cell.angle_gamma   120.00
#
_symmetry.space_group_name_H-M   'P 64 2 2'
#
loop_
_entity.id
_entity.type
_entity.pdbx_description
1 polymer 'Xaa-Pro aminopeptidase'
2 non-polymer 'MAGNESIUM ION'
3 non-polymer 'CHLORIDE ION'
4 non-polymer 3,6,9,12,15,18,21,24,27-NONAOXANONACOSANE-1,29-DIOL
5 non-polymer 'ISOPROPYL ALCOHOL'
6 water water
#
_entity_poly.entity_id   1
_entity_poly.type   'polypeptide(L)'
_entity_poly.pdbx_seq_one_letter_code
;SEISRQEFQRRRQALVEQMQPGSAALIFAAPEVTRSADSEYPYRQNSDFWYFTGFNEPEAVLVLIKSDDTHNHSVLFNRV
RDLTAEIWFGRRLGQDAAPEKLGVDRALAFSEINQQLYQLLNGLDVVYHAQGEYAYADVIVNSALEKLRKGSRQNLTAPA
TMIDWRPVVHEMRLFKSPEEIAVLRRAGEITAMAHTRAMEKCRPGMFEYHLEGEIHHEFNRHGARYPSYNTIVGSGENGC
ILHYTENECEMRDGDLVLIDAGCEYKGYAGDITRTFPVNGKFTQAQREIYDIVLESLETSLRLYRPGTSILEVTGEVVRI
MVSGLVKLGILKGDVDELIAQNAHRPFFMHGLSHWLGLDVHDVGVYGQDRSRILEPGMVLTVEPGLYIAPDAEVPEQYRG
IGIRIEDDIVITETGNENLTASVVKKPEEIEALMVAARKQ
;
_entity_poly.pdbx_strand_id   A
#
loop_
_chem_comp.id
_chem_comp.type
_chem_comp.name
_chem_comp.formula
CL non-polymer 'CHLORIDE ION' 'Cl -1'
IPA non-polymer 'ISOPROPYL ALCOHOL' 'C3 H8 O'
MG non-polymer 'MAGNESIUM ION' 'Mg 2'
XPE non-polymer 3,6,9,12,15,18,21,24,27-NONAOXANONACOSANE-1,29-DIOL 'C20 H42 O11'
#
# COMPACT_ATOMS: atom_id res chain seq x y z
N SER A 1 -15.41 -4.82 -9.61
CA SER A 1 -14.14 -4.44 -10.28
C SER A 1 -13.04 -5.36 -9.78
N GLU A 2 -12.35 -5.98 -10.71
CA GLU A 2 -11.21 -6.81 -10.38
C GLU A 2 -10.24 -6.75 -11.56
N ILE A 3 -9.14 -7.50 -11.41
CA ILE A 3 -8.14 -7.67 -12.44
C ILE A 3 -8.32 -9.06 -12.99
N SER A 4 -8.44 -9.16 -14.31
CA SER A 4 -8.73 -10.42 -14.97
C SER A 4 -7.48 -11.18 -15.42
N ARG A 5 -7.72 -12.42 -15.80
CA ARG A 5 -6.69 -13.29 -16.38
C ARG A 5 -5.99 -12.62 -17.55
N GLN A 6 -6.75 -11.92 -18.40
CA GLN A 6 -6.15 -11.31 -19.57
C GLN A 6 -5.22 -10.17 -19.18
N GLU A 7 -5.54 -9.47 -18.10
CA GLU A 7 -4.68 -8.36 -17.72
C GLU A 7 -3.38 -8.90 -17.11
N PHE A 8 -3.46 -9.95 -16.30
CA PHE A 8 -2.23 -10.58 -15.79
C PHE A 8 -1.33 -11.02 -16.94
N GLN A 9 -1.92 -11.59 -17.99
CA GLN A 9 -1.20 -11.99 -19.19
C GLN A 9 -0.57 -10.80 -19.93
N ARG A 10 -1.32 -9.70 -20.05
CA ARG A 10 -0.77 -8.49 -20.64
C ARG A 10 0.45 -7.99 -19.91
N ARG A 11 0.39 -8.00 -18.57
CA ARG A 11 1.55 -7.63 -17.76
C ARG A 11 2.76 -8.52 -18.01
N ARG A 12 2.52 -9.84 -18.00
CA ARG A 12 3.60 -10.80 -18.31
C ARG A 12 4.26 -10.47 -19.68
N GLN A 13 3.44 -10.21 -20.68
CA GLN A 13 3.98 -9.86 -22.02
C GLN A 13 4.73 -8.57 -22.06
N ALA A 14 4.26 -7.58 -21.31
CA ALA A 14 4.93 -6.30 -21.26
C ALA A 14 6.32 -6.46 -20.62
N LEU A 15 6.42 -7.33 -19.63
CA LEU A 15 7.73 -7.65 -19.04
C LEU A 15 8.65 -8.33 -20.06
N VAL A 16 8.11 -9.33 -20.73
CA VAL A 16 8.84 -10.10 -21.74
C VAL A 16 9.35 -9.18 -22.85
N GLU A 17 8.53 -8.23 -23.25
CA GLU A 17 8.91 -7.26 -24.26
C GLU A 17 10.14 -6.45 -23.83
N GLN A 18 10.31 -6.19 -22.54
CA GLN A 18 11.46 -5.47 -22.00
C GLN A 18 12.69 -6.37 -21.75
N MET A 19 12.52 -7.69 -21.84
CA MET A 19 13.59 -8.60 -21.50
C MET A 19 14.54 -8.80 -22.71
N GLN A 20 15.80 -9.10 -22.43
CA GLN A 20 16.74 -9.45 -23.50
C GLN A 20 16.38 -10.80 -24.08
N PRO A 21 16.67 -11.02 -25.38
CA PRO A 21 16.53 -12.37 -25.92
C PRO A 21 17.51 -13.29 -25.25
N GLY A 22 17.16 -14.55 -25.10
CA GLY A 22 18.02 -15.51 -24.40
C GLY A 22 18.01 -15.28 -22.90
N SER A 23 16.82 -15.17 -22.33
CA SER A 23 16.68 -14.82 -20.92
C SER A 23 15.42 -15.40 -20.26
N ALA A 24 15.47 -15.46 -18.94
CA ALA A 24 14.35 -15.94 -18.14
C ALA A 24 14.18 -15.05 -16.92
N ALA A 25 12.92 -14.72 -16.62
CA ALA A 25 12.56 -14.01 -15.41
C ALA A 25 11.87 -14.97 -14.43
N LEU A 26 12.31 -14.91 -13.19
CA LEU A 26 11.85 -15.76 -12.10
C LEU A 26 11.13 -14.93 -11.07
N ILE A 27 9.87 -15.28 -10.79
CA ILE A 27 9.10 -14.54 -9.79
C ILE A 27 8.51 -15.54 -8.80
N PHE A 28 8.86 -15.34 -7.54
CA PHE A 28 8.58 -16.30 -6.47
C PHE A 28 7.42 -15.86 -5.57
N ALA A 29 6.60 -16.83 -5.15
CA ALA A 29 5.54 -16.60 -4.22
C ALA A 29 6.08 -16.34 -2.80
N ALA A 30 5.27 -15.66 -2.00
CA ALA A 30 5.60 -15.39 -0.60
C ALA A 30 5.60 -16.69 0.18
N PRO A 31 6.51 -16.82 1.17
CA PRO A 31 6.40 -17.97 2.06
C PRO A 31 5.21 -17.82 3.00
N GLU A 32 4.71 -18.93 3.49
CA GLU A 32 3.75 -18.89 4.58
C GLU A 32 4.48 -18.46 5.84
N VAL A 33 3.75 -17.86 6.77
CA VAL A 33 4.31 -17.18 7.92
C VAL A 33 3.63 -17.67 9.21
N THR A 34 4.43 -18.16 10.16
CA THR A 34 3.98 -18.62 11.48
C THR A 34 3.44 -17.47 12.30
N ARG A 35 2.27 -17.66 12.91
CA ARG A 35 1.76 -16.74 13.91
C ARG A 35 2.19 -17.19 15.31
N SER A 36 1.94 -18.46 15.63
CA SER A 36 2.38 -19.06 16.88
C SER A 36 2.36 -20.57 16.74
N ALA A 37 3.46 -21.21 17.13
CA ALA A 37 3.58 -22.64 17.09
C ALA A 37 3.17 -23.18 15.72
N ASP A 38 2.15 -24.03 15.65
CA ASP A 38 1.72 -24.59 14.36
C ASP A 38 0.69 -23.73 13.62
N SER A 39 0.33 -22.56 14.15
CA SER A 39 -0.68 -21.74 13.47
C SER A 39 0.01 -20.66 12.64
N GLU A 40 -0.57 -20.36 11.48
CA GLU A 40 0.02 -19.39 10.56
C GLU A 40 -0.88 -18.20 10.41
N TYR A 41 -0.31 -17.07 10.04
CA TYR A 41 -1.08 -15.89 9.66
C TYR A 41 -1.85 -16.20 8.38
N PRO A 42 -2.98 -15.50 8.15
CA PRO A 42 -3.62 -15.67 6.85
C PRO A 42 -2.66 -15.26 5.73
N TYR A 43 -2.64 -16.04 4.67
CA TYR A 43 -1.62 -15.93 3.63
C TYR A 43 -1.78 -14.63 2.84
N ARG A 44 -0.65 -13.97 2.63
CA ARG A 44 -0.61 -12.79 1.80
C ARG A 44 0.40 -13.05 0.71
N GLN A 45 -0.06 -13.09 -0.54
CA GLN A 45 0.83 -13.29 -1.66
C GLN A 45 1.79 -12.10 -1.83
N ASN A 46 3.01 -12.41 -2.31
CA ASN A 46 3.95 -11.40 -2.69
C ASN A 46 3.29 -10.48 -3.75
N SER A 47 3.41 -9.16 -3.58
CA SER A 47 2.73 -8.22 -4.45
C SER A 47 3.18 -8.34 -5.91
N ASP A 48 4.48 -8.52 -6.14
CA ASP A 48 4.96 -8.67 -7.51
C ASP A 48 4.53 -9.99 -8.13
N PHE A 49 4.59 -11.08 -7.37
CA PHE A 49 4.05 -12.36 -7.87
C PHE A 49 2.56 -12.22 -8.21
N TRP A 50 1.81 -11.62 -7.30
CA TRP A 50 0.41 -11.35 -7.54
C TRP A 50 0.18 -10.52 -8.80
N TYR A 51 0.96 -9.45 -8.97
CA TYR A 51 0.83 -8.57 -10.14
C TYR A 51 0.84 -9.32 -11.46
N PHE A 52 1.62 -10.38 -11.53
CA PHE A 52 1.76 -11.16 -12.75
C PHE A 52 0.90 -12.42 -12.83
N THR A 53 0.14 -12.74 -11.78
CA THR A 53 -0.60 -14.03 -11.70
C THR A 53 -2.02 -14.04 -11.18
N GLY A 54 -2.33 -13.22 -10.18
CA GLY A 54 -3.58 -13.33 -9.46
C GLY A 54 -3.72 -14.67 -8.72
N PHE A 55 -2.58 -15.29 -8.38
CA PHE A 55 -2.58 -16.66 -7.85
C PHE A 55 -2.17 -16.61 -6.39
N ASN A 56 -3.04 -17.10 -5.50
CA ASN A 56 -2.89 -16.89 -4.08
C ASN A 56 -2.39 -18.13 -3.30
N GLU A 57 -1.56 -18.95 -3.91
CA GLU A 57 -0.96 -20.08 -3.23
C GLU A 57 0.52 -19.87 -2.99
N PRO A 58 1.03 -20.44 -1.87
CA PRO A 58 2.45 -20.53 -1.66
C PRO A 58 3.09 -21.66 -2.46
N GLU A 59 4.41 -21.77 -2.36
CA GLU A 59 5.17 -22.79 -3.08
C GLU A 59 4.85 -22.78 -4.57
N ALA A 60 5.12 -21.63 -5.16
CA ALA A 60 4.89 -21.38 -6.57
C ALA A 60 5.92 -20.40 -7.08
N VAL A 61 6.32 -20.61 -8.34
CA VAL A 61 7.29 -19.80 -9.03
C VAL A 61 6.86 -19.63 -10.48
N LEU A 62 6.78 -18.37 -10.91
CA LEU A 62 6.53 -18.03 -12.32
C LEU A 62 7.86 -17.85 -13.07
N VAL A 63 8.01 -18.58 -14.16
CA VAL A 63 9.20 -18.51 -14.97
C VAL A 63 8.79 -18.05 -16.37
N LEU A 64 9.28 -16.88 -16.78
CA LEU A 64 9.00 -16.36 -18.10
C LEU A 64 10.26 -16.48 -18.94
N ILE A 65 10.20 -17.26 -20.03
CA ILE A 65 11.37 -17.53 -20.85
C ILE A 65 11.23 -16.82 -22.18
N LYS A 66 12.24 -16.01 -22.53
CA LYS A 66 12.30 -15.32 -23.80
C LYS A 66 13.46 -15.91 -24.59
N SER A 67 13.11 -16.83 -25.47
CA SER A 67 14.10 -17.65 -26.15
C SER A 67 14.86 -16.76 -27.13
N ASP A 68 14.13 -15.87 -27.76
CA ASP A 68 14.67 -14.92 -28.69
C ASP A 68 13.60 -13.87 -28.88
N ASP A 69 13.77 -13.01 -29.88
CA ASP A 69 12.91 -11.81 -30.04
C ASP A 69 11.47 -12.09 -30.47
N THR A 70 11.21 -13.28 -31.00
CA THR A 70 9.83 -13.66 -31.39
C THR A 70 9.23 -14.73 -30.48
N HIS A 71 10.06 -15.63 -29.96
CA HIS A 71 9.62 -16.79 -29.18
C HIS A 71 9.78 -16.62 -27.66
N ASN A 72 8.68 -16.83 -26.95
CA ASN A 72 8.68 -16.82 -25.49
C ASN A 72 7.56 -17.69 -24.93
N HIS A 73 7.72 -18.13 -23.70
CA HIS A 73 6.74 -18.97 -23.06
C HIS A 73 6.88 -18.90 -21.55
N SER A 74 5.84 -19.37 -20.88
CA SER A 74 5.75 -19.28 -19.43
C SER A 74 5.58 -20.68 -18.81
N VAL A 75 6.25 -20.86 -17.68
CA VAL A 75 6.16 -22.07 -16.88
C VAL A 75 5.84 -21.70 -15.44
N LEU A 76 4.82 -22.32 -14.88
CA LEU A 76 4.54 -22.18 -13.47
C LEU A 76 4.93 -23.45 -12.74
N PHE A 77 5.68 -23.27 -11.65
CA PHE A 77 5.83 -24.29 -10.62
C PHE A 77 4.79 -24.01 -9.54
N ASN A 78 4.06 -25.04 -9.14
CA ASN A 78 3.02 -24.90 -8.11
C ASN A 78 2.76 -26.25 -7.43
N ARG A 79 2.10 -26.22 -6.26
CA ARG A 79 1.83 -27.45 -5.52
C ARG A 79 0.96 -28.40 -6.32
N VAL A 80 1.32 -29.67 -6.25
CA VAL A 80 0.59 -30.76 -6.85
C VAL A 80 -0.75 -30.98 -6.14
N ARG A 81 -1.75 -31.46 -6.87
CA ARG A 81 -2.94 -32.07 -6.24
C ARG A 81 -2.51 -33.16 -5.27
N ASP A 82 -3.14 -33.19 -4.11
CA ASP A 82 -2.78 -34.10 -3.04
C ASP A 82 -4.03 -34.27 -2.19
N LEU A 83 -4.66 -35.43 -2.26
CA LEU A 83 -5.95 -35.68 -1.61
C LEU A 83 -5.96 -35.34 -0.12
N THR A 84 -4.94 -35.83 0.58
CA THR A 84 -4.86 -35.66 2.03
C THR A 84 -4.62 -34.21 2.43
N ALA A 85 -3.69 -33.55 1.74
CA ALA A 85 -3.38 -32.15 2.03
C ALA A 85 -4.61 -31.28 1.80
N GLU A 86 -5.34 -31.59 0.73
CA GLU A 86 -6.52 -30.80 0.36
C GLU A 86 -7.72 -31.04 1.28
N ILE A 87 -7.95 -32.28 1.71
CA ILE A 87 -8.98 -32.56 2.74
C ILE A 87 -8.70 -31.75 4.01
N TRP A 88 -7.44 -31.58 4.35
CA TRP A 88 -7.09 -30.79 5.52
C TRP A 88 -7.13 -29.29 5.31
N PHE A 89 -6.35 -28.83 4.34
CA PHE A 89 -5.95 -27.42 4.28
C PHE A 89 -6.53 -26.64 3.11
N GLY A 90 -7.21 -27.33 2.20
CA GLY A 90 -7.87 -26.67 1.10
C GLY A 90 -7.41 -27.10 -0.28
N ARG A 91 -8.21 -26.69 -1.25
CA ARG A 91 -8.03 -27.07 -2.64
C ARG A 91 -6.77 -26.41 -3.21
N ARG A 92 -6.13 -27.14 -4.10
CA ARG A 92 -4.96 -26.65 -4.82
C ARG A 92 -5.29 -26.67 -6.30
N LEU A 93 -4.75 -25.69 -7.03
CA LEU A 93 -4.99 -25.58 -8.46
C LEU A 93 -4.43 -26.81 -9.17
N GLY A 94 -3.20 -27.18 -8.80
CA GLY A 94 -2.51 -28.30 -9.41
C GLY A 94 -1.99 -27.99 -10.80
N GLN A 95 -1.39 -28.99 -11.45
CA GLN A 95 -0.72 -28.77 -12.76
C GLN A 95 -1.66 -28.84 -13.97
N ASP A 96 -2.64 -29.74 -13.94
CA ASP A 96 -3.50 -29.94 -15.12
C ASP A 96 -4.33 -28.72 -15.42
N ALA A 97 -4.86 -28.10 -14.37
CA ALA A 97 -5.77 -26.97 -14.52
C ALA A 97 -5.09 -25.59 -14.62
N ALA A 98 -3.82 -25.50 -14.23
CA ALA A 98 -3.13 -24.20 -14.18
C ALA A 98 -2.99 -23.45 -15.51
N PRO A 99 -2.56 -24.12 -16.60
CA PRO A 99 -2.40 -23.40 -17.87
C PRO A 99 -3.65 -22.64 -18.32
N GLU A 100 -4.80 -23.30 -18.28
CA GLU A 100 -6.07 -22.65 -18.64
C GLU A 100 -6.48 -21.61 -17.61
N LYS A 101 -6.37 -21.96 -16.33
CA LYS A 101 -6.85 -21.05 -15.29
C LYS A 101 -6.05 -19.75 -15.30
N LEU A 102 -4.73 -19.88 -15.33
CA LEU A 102 -3.85 -18.72 -15.19
C LEU A 102 -3.43 -18.15 -16.54
N GLY A 103 -3.48 -18.94 -17.61
CA GLY A 103 -3.03 -18.47 -18.90
C GLY A 103 -1.51 -18.57 -19.08
N VAL A 104 -0.92 -19.60 -18.50
CA VAL A 104 0.48 -19.91 -18.70
C VAL A 104 0.60 -21.11 -19.60
N ASP A 105 1.76 -21.28 -20.21
CA ASP A 105 1.94 -22.30 -21.22
C ASP A 105 2.09 -23.68 -20.60
N ARG A 106 2.70 -23.74 -19.43
CA ARG A 106 3.14 -25.02 -18.86
C ARG A 106 3.12 -24.92 -17.33
N ALA A 107 2.75 -26.01 -16.66
CA ALA A 107 2.84 -26.09 -15.20
C ALA A 107 3.53 -27.36 -14.73
N LEU A 108 4.35 -27.21 -13.68
CA LEU A 108 5.17 -28.31 -13.14
C LEU A 108 5.06 -28.28 -11.62
N ALA A 109 5.34 -29.41 -10.99
CA ALA A 109 5.25 -29.51 -9.52
C ALA A 109 6.41 -28.74 -8.87
N PHE A 110 6.07 -27.97 -7.84
CA PHE A 110 7.06 -27.22 -7.07
C PHE A 110 8.13 -28.16 -6.47
N SER A 111 7.70 -29.35 -6.03
CA SER A 111 8.62 -30.36 -5.55
C SER A 111 9.73 -30.71 -6.55
N GLU A 112 9.51 -30.47 -7.84
CA GLU A 112 10.48 -30.75 -8.88
C GLU A 112 11.33 -29.52 -9.28
N ILE A 113 11.19 -28.41 -8.58
CA ILE A 113 11.87 -27.18 -9.00
C ILE A 113 13.41 -27.32 -9.09
N ASN A 114 14.02 -28.03 -8.16
CA ASN A 114 15.47 -28.17 -8.19
C ASN A 114 15.92 -29.10 -9.32
N GLN A 115 15.05 -29.99 -9.76
CA GLN A 115 15.38 -30.90 -10.87
C GLN A 115 15.13 -30.25 -12.23
N GLN A 116 14.33 -29.19 -12.24
CA GLN A 116 13.87 -28.60 -13.50
C GLN A 116 14.40 -27.20 -13.79
N LEU A 117 14.56 -26.38 -12.76
CA LEU A 117 14.90 -24.98 -13.00
C LEU A 117 16.22 -24.83 -13.77
N TYR A 118 17.27 -25.53 -13.33
CA TYR A 118 18.55 -25.41 -14.04
C TYR A 118 18.41 -25.76 -15.53
N GLN A 119 17.52 -26.70 -15.85
CA GLN A 119 17.31 -27.08 -17.25
C GLN A 119 16.66 -25.95 -18.04
N LEU A 120 15.80 -25.17 -17.39
CA LEU A 120 15.19 -24.01 -18.03
C LEU A 120 16.18 -22.85 -18.24
N LEU A 121 17.16 -22.74 -17.36
CA LEU A 121 18.15 -21.64 -17.43
C LEU A 121 19.37 -21.99 -18.26
N ASN A 122 19.59 -23.29 -18.47
CA ASN A 122 20.71 -23.75 -19.28
C ASN A 122 20.83 -23.03 -20.63
N GLY A 123 21.99 -22.43 -20.87
CA GLY A 123 22.26 -21.81 -22.17
C GLY A 123 21.68 -20.42 -22.36
N LEU A 124 20.95 -19.91 -21.36
CA LEU A 124 20.47 -18.54 -21.41
C LEU A 124 21.60 -17.60 -21.07
N ASP A 125 21.49 -16.35 -21.54
CA ASP A 125 22.46 -15.31 -21.28
C ASP A 125 22.14 -14.53 -19.98
N VAL A 126 20.87 -14.33 -19.69
CA VAL A 126 20.47 -13.46 -18.58
C VAL A 126 19.40 -14.13 -17.74
N VAL A 127 19.54 -14.02 -16.42
CA VAL A 127 18.46 -14.42 -15.53
C VAL A 127 17.99 -13.16 -14.79
N TYR A 128 16.68 -12.92 -14.80
CA TYR A 128 16.12 -11.82 -14.02
C TYR A 128 15.60 -12.38 -12.69
N HIS A 129 16.11 -11.83 -11.59
CA HIS A 129 15.84 -12.33 -10.24
C HIS A 129 15.97 -11.20 -9.24
N ALA A 130 14.98 -11.11 -8.34
CA ALA A 130 14.93 -10.16 -7.26
C ALA A 130 15.67 -10.74 -6.04
N GLN A 131 16.98 -10.57 -6.07
CA GLN A 131 17.88 -11.16 -5.09
C GLN A 131 17.68 -10.47 -3.74
N GLY A 132 17.68 -11.26 -2.67
CA GLY A 132 17.59 -10.74 -1.32
C GLY A 132 16.18 -10.53 -0.80
N GLU A 133 15.18 -10.83 -1.63
CA GLU A 133 13.79 -10.68 -1.21
C GLU A 133 13.44 -11.83 -0.27
N TYR A 134 13.59 -13.06 -0.74
CA TYR A 134 13.32 -14.26 0.06
C TYR A 134 14.53 -15.17 0.05
N ALA A 135 14.95 -15.60 1.23
CA ALA A 135 16.07 -16.53 1.37
C ALA A 135 15.81 -17.86 0.64
N TYR A 136 14.59 -18.37 0.72
CA TYR A 136 14.32 -19.65 0.11
C TYR A 136 14.44 -19.57 -1.42
N ALA A 137 14.07 -18.42 -1.99
CA ALA A 137 14.14 -18.20 -3.42
C ALA A 137 15.60 -18.08 -3.87
N ASP A 138 16.39 -17.36 -3.08
CA ASP A 138 17.81 -17.23 -3.35
C ASP A 138 18.53 -18.58 -3.33
N VAL A 139 18.17 -19.44 -2.39
CA VAL A 139 18.78 -20.79 -2.34
C VAL A 139 18.48 -21.55 -3.64
N ILE A 140 17.23 -21.47 -4.10
CA ILE A 140 16.82 -22.15 -5.34
C ILE A 140 17.55 -21.64 -6.58
N VAL A 141 17.62 -20.32 -6.71
CA VAL A 141 18.32 -19.72 -7.84
C VAL A 141 19.81 -20.02 -7.77
N ASN A 142 20.42 -19.85 -6.60
CA ASN A 142 21.86 -20.09 -6.49
C ASN A 142 22.22 -21.56 -6.74
N SER A 143 21.37 -22.48 -6.33
CA SER A 143 21.64 -23.90 -6.59
C SER A 143 21.58 -24.21 -8.05
N ALA A 144 20.57 -23.66 -8.74
CA ALA A 144 20.42 -23.87 -10.18
C ALA A 144 21.64 -23.34 -10.93
N LEU A 145 22.10 -22.15 -10.58
CA LEU A 145 23.23 -21.53 -11.27
C LEU A 145 24.51 -22.30 -10.98
N GLU A 146 24.64 -22.74 -9.72
CA GLU A 146 25.81 -23.54 -9.37
C GLU A 146 25.85 -24.87 -10.16
N LYS A 147 24.72 -25.59 -10.27
CA LYS A 147 24.66 -26.80 -11.11
C LYS A 147 25.13 -26.54 -12.54
N LEU A 148 24.72 -25.40 -13.10
CA LEU A 148 25.06 -25.06 -14.46
C LEU A 148 26.55 -24.72 -14.60
N ARG A 149 27.05 -23.84 -13.73
CA ARG A 149 28.48 -23.49 -13.72
C ARG A 149 29.38 -24.71 -13.64
N LYS A 150 29.01 -25.63 -12.77
CA LYS A 150 29.78 -26.84 -12.53
C LYS A 150 29.46 -27.99 -13.49
N GLY A 151 28.59 -27.78 -14.48
CA GLY A 151 28.11 -28.87 -15.33
C GLY A 151 28.61 -28.89 -16.77
N SER A 152 29.82 -28.37 -16.99
CA SER A 152 30.36 -28.26 -18.35
C SER A 152 30.56 -29.64 -19.01
N ARG A 153 30.87 -30.67 -18.21
CA ARG A 153 31.01 -32.03 -18.73
C ARG A 153 29.68 -32.62 -19.22
N GLN A 154 28.58 -32.04 -18.74
CA GLN A 154 27.24 -32.37 -19.22
C GLN A 154 26.74 -31.32 -20.20
N ASN A 155 27.65 -30.49 -20.71
CA ASN A 155 27.31 -29.43 -21.66
C ASN A 155 26.31 -28.41 -21.16
N LEU A 156 26.34 -28.17 -19.85
CA LEU A 156 25.51 -27.13 -19.27
C LEU A 156 26.30 -25.82 -19.17
N THR A 157 25.60 -24.70 -19.32
CA THR A 157 26.18 -23.36 -19.14
C THR A 157 25.20 -22.47 -18.38
N ALA A 158 25.74 -21.68 -17.46
CA ALA A 158 24.98 -20.75 -16.68
C ALA A 158 24.93 -19.40 -17.38
N PRO A 159 23.79 -18.69 -17.28
CA PRO A 159 23.83 -17.28 -17.68
C PRO A 159 24.82 -16.51 -16.81
N ALA A 160 25.61 -15.65 -17.43
CA ALA A 160 26.61 -14.88 -16.67
C ALA A 160 26.05 -13.60 -16.08
N THR A 161 24.85 -13.20 -16.51
CA THR A 161 24.25 -11.92 -16.13
C THR A 161 22.97 -12.15 -15.35
N MET A 162 22.85 -11.48 -14.21
CA MET A 162 21.65 -11.50 -13.42
C MET A 162 21.17 -10.07 -13.30
N ILE A 163 19.91 -9.84 -13.61
CA ILE A 163 19.36 -8.48 -13.58
C ILE A 163 18.19 -8.47 -12.61
N ASP A 164 18.20 -7.51 -11.71
CA ASP A 164 17.06 -7.29 -10.82
C ASP A 164 15.90 -6.75 -11.65
N TRP A 165 14.80 -7.50 -11.74
CA TRP A 165 13.60 -7.01 -12.44
C TRP A 165 12.76 -5.98 -11.67
N ARG A 166 13.05 -5.79 -10.39
CA ARG A 166 12.24 -4.89 -9.58
C ARG A 166 12.18 -3.44 -10.11
N PRO A 167 13.31 -2.81 -10.50
CA PRO A 167 13.14 -1.45 -11.08
C PRO A 167 12.14 -1.37 -12.24
N VAL A 168 12.22 -2.31 -13.18
CA VAL A 168 11.31 -2.33 -14.31
C VAL A 168 9.87 -2.65 -13.87
N VAL A 169 9.71 -3.67 -13.03
CA VAL A 169 8.38 -4.06 -12.59
C VAL A 169 7.71 -3.00 -11.72
N HIS A 170 8.49 -2.38 -10.87
CA HIS A 170 7.97 -1.37 -9.96
C HIS A 170 7.57 -0.10 -10.71
N GLU A 171 8.28 0.23 -11.78
CA GLU A 171 7.89 1.29 -12.69
C GLU A 171 6.59 0.94 -13.41
N MET A 172 6.38 -0.34 -13.72
CA MET A 172 5.10 -0.77 -14.28
C MET A 172 3.96 -0.53 -13.28
N ARG A 173 4.15 -1.02 -12.07
CA ARG A 173 3.19 -0.87 -10.97
C ARG A 173 2.86 0.58 -10.63
N LEU A 174 3.79 1.48 -10.90
CA LEU A 174 3.59 2.89 -10.58
C LEU A 174 2.51 3.54 -11.44
N PHE A 175 2.31 3.00 -12.63
CA PHE A 175 1.31 3.55 -13.55
C PHE A 175 0.15 2.56 -13.64
N LYS A 176 -0.99 2.97 -13.11
CA LYS A 176 -2.15 2.06 -13.05
C LYS A 176 -2.92 2.00 -14.38
N SER A 177 -3.39 0.81 -14.74
CA SER A 177 -4.33 0.65 -15.84
C SER A 177 -5.71 1.17 -15.43
N PRO A 178 -6.60 1.46 -16.40
CA PRO A 178 -7.94 1.87 -15.99
C PRO A 178 -8.61 0.82 -15.07
N GLU A 179 -8.38 -0.45 -15.31
CA GLU A 179 -8.94 -1.52 -14.49
C GLU A 179 -8.41 -1.46 -13.04
N GLU A 180 -7.11 -1.18 -12.89
CA GLU A 180 -6.51 -1.01 -11.55
C GLU A 180 -7.10 0.19 -10.83
N ILE A 181 -7.32 1.26 -11.56
CA ILE A 181 -7.92 2.45 -10.97
C ILE A 181 -9.35 2.17 -10.49
N ALA A 182 -10.11 1.40 -11.26
CA ALA A 182 -11.46 1.00 -10.82
C ALA A 182 -11.43 0.20 -9.52
N VAL A 183 -10.42 -0.65 -9.38
CA VAL A 183 -10.28 -1.47 -8.16
C VAL A 183 -9.92 -0.57 -6.99
N LEU A 184 -8.94 0.31 -7.22
CA LEU A 184 -8.57 1.31 -6.21
C LEU A 184 -9.74 2.25 -5.87
N ARG A 185 -10.56 2.59 -6.85
CA ARG A 185 -11.75 3.43 -6.62
C ARG A 185 -12.70 2.70 -5.67
N ARG A 186 -12.88 1.41 -5.91
CA ARG A 186 -13.72 0.61 -5.04
C ARG A 186 -13.12 0.47 -3.64
N ALA A 187 -11.81 0.25 -3.56
CA ALA A 187 -11.12 0.23 -2.26
C ALA A 187 -11.34 1.55 -1.51
N GLY A 188 -11.24 2.67 -2.22
CA GLY A 188 -11.45 3.98 -1.61
C GLY A 188 -12.87 4.13 -1.08
N GLU A 189 -13.85 3.66 -1.85
CA GLU A 189 -15.26 3.73 -1.46
C GLU A 189 -15.53 2.84 -0.23
N ILE A 190 -15.00 1.62 -0.25
CA ILE A 190 -15.20 0.71 0.87
C ILE A 190 -14.57 1.31 2.16
N THR A 191 -13.36 1.82 2.00
CA THR A 191 -12.65 2.39 3.13
C THR A 191 -13.38 3.63 3.66
N ALA A 192 -13.86 4.45 2.75
CA ALA A 192 -14.64 5.63 3.13
C ALA A 192 -15.92 5.24 3.91
N MET A 193 -16.65 4.22 3.47
CA MET A 193 -17.85 3.78 4.19
C MET A 193 -17.52 3.33 5.61
N ALA A 194 -16.37 2.70 5.75
CA ALA A 194 -15.90 2.24 7.05
C ALA A 194 -15.62 3.41 7.99
N HIS A 195 -14.93 4.43 7.49
CA HIS A 195 -14.63 5.60 8.29
C HIS A 195 -15.89 6.40 8.67
N THR A 196 -16.87 6.45 7.76
CA THR A 196 -18.16 7.10 8.04
C THR A 196 -18.84 6.36 9.17
N ARG A 197 -18.82 5.02 9.09
CA ARG A 197 -19.42 4.17 10.11
C ARG A 197 -18.74 4.40 11.46
N ALA A 198 -17.41 4.51 11.48
CA ALA A 198 -16.70 4.77 12.73
C ALA A 198 -17.15 6.10 13.38
N MET A 199 -17.25 7.15 12.58
CA MET A 199 -17.74 8.45 13.08
C MET A 199 -19.15 8.37 13.63
N GLU A 200 -20.01 7.63 12.94
CA GLU A 200 -21.39 7.46 13.39
C GLU A 200 -21.53 6.58 14.62
N LYS A 201 -20.56 5.71 14.87
CA LYS A 201 -20.66 4.81 16.04
C LYS A 201 -19.98 5.36 17.28
N CYS A 202 -18.96 6.18 17.08
CA CYS A 202 -18.12 6.64 18.17
C CYS A 202 -18.89 7.37 19.27
N ARG A 203 -18.67 6.95 20.52
CA ARG A 203 -19.21 7.63 21.70
C ARG A 203 -18.17 7.61 22.80
N PRO A 204 -18.15 8.65 23.67
CA PRO A 204 -17.25 8.63 24.82
C PRO A 204 -17.48 7.36 25.62
N GLY A 205 -16.41 6.72 26.10
CA GLY A 205 -16.54 5.48 26.88
C GLY A 205 -16.29 4.19 26.11
N MET A 206 -16.53 4.22 24.81
CA MET A 206 -16.05 3.16 23.96
C MET A 206 -14.52 3.12 23.95
N PHE A 207 -13.98 1.93 23.68
CA PHE A 207 -12.54 1.76 23.52
C PHE A 207 -12.14 1.99 22.06
N GLU A 208 -10.92 2.45 21.87
CA GLU A 208 -10.34 2.65 20.55
C GLU A 208 -10.57 1.40 19.70
N TYR A 209 -10.32 0.22 20.28
CA TYR A 209 -10.49 -1.03 19.52
C TYR A 209 -11.91 -1.26 19.02
N HIS A 210 -12.91 -0.68 19.67
CA HIS A 210 -14.30 -0.79 19.18
C HIS A 210 -14.49 -0.18 17.81
N LEU A 211 -13.80 0.93 17.54
CA LEU A 211 -13.93 1.56 16.20
C LEU A 211 -13.16 0.75 15.17
N GLU A 212 -12.05 0.15 15.59
CA GLU A 212 -11.36 -0.83 14.74
C GLU A 212 -12.33 -1.97 14.35
N GLY A 213 -13.07 -2.47 15.33
CA GLY A 213 -14.06 -3.52 15.06
C GLY A 213 -15.12 -3.13 14.04
N GLU A 214 -15.65 -1.92 14.17
CA GLU A 214 -16.64 -1.39 13.21
C GLU A 214 -16.06 -1.29 11.82
N ILE A 215 -14.84 -0.78 11.73
CA ILE A 215 -14.14 -0.60 10.47
C ILE A 215 -13.87 -1.94 9.75
N HIS A 216 -13.32 -2.90 10.49
CA HIS A 216 -13.05 -4.19 9.89
C HIS A 216 -14.29 -4.92 9.45
N HIS A 217 -15.37 -4.79 10.21
CA HIS A 217 -16.66 -5.40 9.82
C HIS A 217 -17.19 -4.79 8.50
N GLU A 218 -17.06 -3.48 8.36
CA GLU A 218 -17.49 -2.81 7.12
C GLU A 218 -16.60 -3.22 5.92
N PHE A 219 -15.29 -3.31 6.13
CA PHE A 219 -14.41 -3.82 5.09
C PHE A 219 -14.92 -5.19 4.62
N ASN A 220 -15.12 -6.08 5.59
CA ASN A 220 -15.49 -7.46 5.29
C ASN A 220 -16.78 -7.53 4.52
N ARG A 221 -17.77 -6.74 4.91
CA ARG A 221 -19.06 -6.93 4.28
C ARG A 221 -19.11 -6.59 2.79
N HIS A 222 -18.16 -5.75 2.34
CA HIS A 222 -18.00 -5.42 0.92
C HIS A 222 -16.99 -6.32 0.20
N GLY A 223 -16.49 -7.35 0.89
CA GLY A 223 -15.61 -8.32 0.29
C GLY A 223 -14.15 -7.95 0.36
N ALA A 224 -13.78 -7.05 1.27
CA ALA A 224 -12.37 -6.79 1.56
C ALA A 224 -12.09 -7.40 2.91
N ARG A 225 -11.62 -8.65 2.95
CA ARG A 225 -11.54 -9.38 4.23
C ARG A 225 -10.54 -8.80 5.20
N TYR A 226 -9.41 -8.33 4.65
CA TYR A 226 -8.28 -7.87 5.44
C TYR A 226 -7.98 -6.38 5.20
N PRO A 227 -7.50 -5.71 6.24
CA PRO A 227 -6.96 -4.36 6.06
C PRO A 227 -5.64 -4.41 5.30
N SER A 228 -5.28 -3.31 4.64
CA SER A 228 -4.01 -3.21 3.93
C SER A 228 -2.83 -2.88 4.87
N TYR A 229 -3.16 -2.51 6.11
CA TYR A 229 -2.17 -2.26 7.17
C TYR A 229 -2.91 -2.26 8.50
N ASN A 230 -2.17 -2.38 9.57
CA ASN A 230 -2.76 -2.47 10.90
C ASN A 230 -3.45 -1.15 11.29
N THR A 231 -4.72 -1.26 11.60
CA THR A 231 -5.58 -0.11 11.89
C THR A 231 -5.09 0.68 13.10
N ILE A 232 -5.11 2.01 12.93
CA ILE A 232 -4.70 2.98 13.94
C ILE A 232 -5.92 3.71 14.46
N VAL A 233 -6.14 3.65 15.78
CA VAL A 233 -7.23 4.41 16.40
C VAL A 233 -6.62 5.11 17.62
N GLY A 234 -6.15 6.34 17.40
CA GLY A 234 -5.42 7.08 18.41
C GLY A 234 -6.22 8.24 18.97
N SER A 235 -6.79 8.05 20.15
CA SER A 235 -7.54 9.09 20.82
C SER A 235 -6.65 9.84 21.80
N GLY A 236 -6.94 11.12 21.98
CA GLY A 236 -6.17 11.96 22.90
C GLY A 236 -4.72 12.00 22.51
N GLU A 237 -3.84 11.86 23.50
CA GLU A 237 -2.39 11.86 23.25
C GLU A 237 -1.91 10.76 22.32
N ASN A 238 -2.70 9.69 22.18
CA ASN A 238 -2.32 8.59 21.30
C ASN A 238 -2.30 9.04 19.85
N GLY A 239 -3.07 10.07 19.54
CA GLY A 239 -3.12 10.65 18.21
C GLY A 239 -1.81 11.29 17.78
N CYS A 240 -0.93 11.58 18.74
CA CYS A 240 0.39 12.08 18.41
C CYS A 240 1.39 10.99 18.07
N ILE A 241 0.97 9.73 18.16
CA ILE A 241 1.82 8.59 17.76
C ILE A 241 1.37 8.16 16.37
N LEU A 242 2.27 8.28 15.39
CA LEU A 242 1.88 8.24 13.99
C LEU A 242 1.20 6.92 13.58
N HIS A 243 1.82 5.82 13.97
CA HIS A 243 1.27 4.49 13.71
C HIS A 243 0.89 3.78 15.02
N TYR A 244 0.13 4.48 15.88
CA TYR A 244 -0.38 3.90 17.14
C TYR A 244 -1.33 2.77 16.79
N THR A 245 -1.01 1.54 17.21
CA THR A 245 -1.89 0.41 16.92
C THR A 245 -2.37 -0.39 18.16
N GLU A 246 -1.94 0.00 19.35
CA GLU A 246 -2.39 -0.68 20.55
C GLU A 246 -3.91 -0.58 20.68
N ASN A 247 -4.46 0.59 20.31
CA ASN A 247 -5.94 0.84 20.34
C ASN A 247 -6.62 0.32 21.61
N GLU A 248 -5.98 0.56 22.75
CA GLU A 248 -6.35 -0.08 23.99
C GLU A 248 -7.03 0.82 25.00
N CYS A 249 -7.16 2.10 24.70
CA CYS A 249 -7.68 3.06 25.67
C CYS A 249 -9.14 3.37 25.47
N GLU A 250 -9.75 3.77 26.57
CA GLU A 250 -11.11 4.23 26.58
C GLU A 250 -11.12 5.65 26.01
N MET A 251 -11.98 5.88 25.04
CA MET A 251 -12.05 7.19 24.41
C MET A 251 -12.80 8.19 25.30
N ARG A 252 -12.14 9.32 25.57
CA ARG A 252 -12.64 10.33 26.53
C ARG A 252 -13.45 11.45 25.89
N ASP A 253 -14.56 11.77 26.54
CA ASP A 253 -15.32 12.98 26.27
C ASP A 253 -14.35 14.16 26.30
N GLY A 254 -14.23 14.88 25.18
CA GLY A 254 -13.32 16.06 25.11
C GLY A 254 -12.03 15.84 24.31
N ASP A 255 -11.71 14.59 24.03
CA ASP A 255 -10.57 14.26 23.18
C ASP A 255 -10.97 14.08 21.71
N LEU A 256 -9.98 14.23 20.83
CA LEU A 256 -10.13 13.81 19.46
C LEU A 256 -9.71 12.35 19.34
N VAL A 257 -10.16 11.72 18.28
CA VAL A 257 -9.69 10.41 17.88
C VAL A 257 -9.29 10.46 16.42
N LEU A 258 -8.11 9.92 16.16
CA LEU A 258 -7.52 9.87 14.83
C LEU A 258 -7.62 8.42 14.39
N ILE A 259 -8.36 8.17 13.31
CA ILE A 259 -8.44 6.84 12.72
C ILE A 259 -7.73 6.79 11.38
N ASP A 260 -6.73 5.92 11.27
CA ASP A 260 -6.03 5.66 10.02
C ASP A 260 -6.23 4.19 9.70
N ALA A 261 -7.07 3.93 8.70
CA ALA A 261 -7.47 2.57 8.34
C ALA A 261 -7.75 2.46 6.85
N GLY A 262 -7.41 1.31 6.30
CA GLY A 262 -7.62 1.05 4.88
C GLY A 262 -7.82 -0.42 4.60
N CYS A 263 -8.68 -0.70 3.64
CA CYS A 263 -8.99 -2.09 3.28
C CYS A 263 -7.98 -2.57 2.23
N GLU A 264 -7.92 -3.89 2.06
CA GLU A 264 -7.21 -4.47 0.96
C GLU A 264 -8.24 -5.20 0.13
N TYR A 265 -8.46 -4.68 -1.07
CA TYR A 265 -9.51 -5.14 -1.97
C TYR A 265 -8.90 -5.61 -3.28
N LYS A 266 -9.06 -6.90 -3.56
CA LYS A 266 -8.42 -7.55 -4.72
C LYS A 266 -6.93 -7.24 -4.79
N GLY A 267 -6.28 -7.19 -3.63
CA GLY A 267 -4.86 -6.93 -3.57
C GLY A 267 -4.48 -5.47 -3.34
N TYR A 268 -5.38 -4.53 -3.60
CA TYR A 268 -5.06 -3.10 -3.62
C TYR A 268 -5.48 -2.41 -2.31
N ALA A 269 -4.66 -1.45 -1.88
CA ALA A 269 -4.81 -0.76 -0.62
C ALA A 269 -5.63 0.55 -0.72
N GLY A 270 -6.57 0.72 0.21
CA GLY A 270 -7.01 2.05 0.60
C GLY A 270 -6.17 2.51 1.77
N ASP A 271 -6.17 3.82 2.01
CA ASP A 271 -5.42 4.45 3.08
C ASP A 271 -6.07 5.80 3.40
N ILE A 272 -6.97 5.80 4.37
CA ILE A 272 -7.69 6.99 4.79
C ILE A 272 -7.41 7.28 6.25
N THR A 273 -7.23 8.57 6.55
CA THR A 273 -7.23 9.04 7.94
C THR A 273 -8.31 10.12 8.08
N ARG A 274 -9.10 9.98 9.15
CA ARG A 274 -10.00 11.03 9.59
C ARG A 274 -9.76 11.22 11.09
N THR A 275 -9.74 12.48 11.50
CA THR A 275 -9.66 12.86 12.91
C THR A 275 -10.95 13.62 13.28
N PHE A 276 -11.54 13.30 14.42
CA PHE A 276 -12.84 13.87 14.78
C PHE A 276 -13.04 13.84 16.30
N PRO A 277 -13.91 14.74 16.82
CA PRO A 277 -14.15 14.72 18.25
C PRO A 277 -14.89 13.48 18.71
N VAL A 278 -14.37 12.86 19.75
CA VAL A 278 -15.06 11.73 20.39
C VAL A 278 -16.52 12.05 20.77
N ASN A 279 -16.77 13.25 21.29
CA ASN A 279 -18.10 13.67 21.76
C ASN A 279 -18.91 14.38 20.68
N GLY A 280 -18.42 14.39 19.44
CA GLY A 280 -19.14 15.00 18.33
C GLY A 280 -18.97 16.52 18.11
N LYS A 281 -18.24 17.22 18.98
CA LYS A 281 -18.04 18.66 18.88
C LYS A 281 -16.59 19.08 19.10
N PHE A 282 -15.96 19.70 18.08
CA PHE A 282 -14.58 20.16 18.22
C PHE A 282 -14.53 21.26 19.29
N THR A 283 -13.52 21.26 20.16
CA THR A 283 -13.27 22.44 20.97
C THR A 283 -12.65 23.53 20.08
N GLN A 284 -12.63 24.77 20.55
CA GLN A 284 -11.94 25.84 19.82
C GLN A 284 -10.50 25.48 19.47
N ALA A 285 -9.78 24.97 20.45
CA ALA A 285 -8.36 24.64 20.24
C ALA A 285 -8.20 23.53 19.19
N GLN A 286 -9.06 22.52 19.27
CA GLN A 286 -9.04 21.41 18.32
C GLN A 286 -9.36 21.91 16.91
N ARG A 287 -10.38 22.76 16.82
CA ARG A 287 -10.78 23.35 15.55
C ARG A 287 -9.68 24.21 14.93
N GLU A 288 -8.97 24.96 15.75
CA GLU A 288 -7.87 25.82 15.29
C GLU A 288 -6.73 25.02 14.63
N ILE A 289 -6.36 23.91 15.24
CA ILE A 289 -5.36 23.04 14.64
C ILE A 289 -5.96 22.33 13.40
N TYR A 290 -7.19 21.82 13.53
CA TYR A 290 -7.86 21.11 12.44
C TYR A 290 -7.94 21.93 11.14
N ASP A 291 -8.29 23.21 11.28
CA ASP A 291 -8.42 24.09 10.13
C ASP A 291 -7.13 24.20 9.32
N ILE A 292 -6.00 24.18 9.98
CA ILE A 292 -4.70 24.27 9.31
C ILE A 292 -4.43 22.99 8.52
N VAL A 293 -4.69 21.85 9.14
CA VAL A 293 -4.50 20.57 8.48
C VAL A 293 -5.48 20.46 7.31
N LEU A 294 -6.74 20.87 7.49
CA LEU A 294 -7.72 20.80 6.40
C LEU A 294 -7.34 21.73 5.23
N GLU A 295 -6.94 22.97 5.51
CA GLU A 295 -6.46 23.88 4.44
C GLU A 295 -5.31 23.27 3.66
N SER A 296 -4.37 22.66 4.39
CA SER A 296 -3.24 21.96 3.76
C SER A 296 -3.73 20.89 2.80
N LEU A 297 -4.69 20.08 3.22
CA LEU A 297 -5.22 19.02 2.37
C LEU A 297 -6.00 19.60 1.19
N GLU A 298 -6.89 20.55 1.46
CA GLU A 298 -7.72 21.11 0.37
C GLU A 298 -6.85 21.80 -0.68
N THR A 299 -5.83 22.53 -0.25
CA THR A 299 -4.90 23.17 -1.15
C THR A 299 -4.15 22.12 -2.00
N SER A 300 -3.67 21.07 -1.35
CA SER A 300 -2.98 19.98 -2.04
C SER A 300 -3.88 19.31 -3.09
N LEU A 301 -5.15 19.11 -2.74
CA LEU A 301 -6.11 18.54 -3.68
C LEU A 301 -6.39 19.47 -4.89
N ARG A 302 -6.35 20.78 -4.68
CA ARG A 302 -6.50 21.72 -5.80
C ARG A 302 -5.28 21.66 -6.70
N LEU A 303 -4.10 21.47 -6.10
CA LEU A 303 -2.81 21.58 -6.81
C LEU A 303 -2.37 20.33 -7.56
N TYR A 304 -2.61 19.15 -6.99
CA TYR A 304 -2.06 17.93 -7.57
C TYR A 304 -2.58 17.68 -9.00
N ARG A 305 -1.63 17.46 -9.91
CA ARG A 305 -1.91 17.41 -11.34
C ARG A 305 -0.63 16.97 -12.05
N PRO A 306 -0.76 16.57 -13.33
CA PRO A 306 0.46 16.29 -14.07
C PRO A 306 1.37 17.51 -14.14
N GLY A 307 2.67 17.30 -13.96
CA GLY A 307 3.61 18.40 -14.15
C GLY A 307 4.06 19.05 -12.87
N THR A 308 3.33 18.84 -11.77
CA THR A 308 3.84 19.21 -10.45
C THR A 308 4.51 17.98 -9.79
N SER A 309 4.87 18.10 -8.52
CA SER A 309 5.53 17.03 -7.77
C SER A 309 5.11 17.09 -6.32
N ILE A 310 5.34 15.99 -5.63
CA ILE A 310 5.08 15.92 -4.19
C ILE A 310 5.93 16.98 -3.45
N LEU A 311 7.19 17.13 -3.86
CA LEU A 311 8.03 18.18 -3.31
C LEU A 311 7.41 19.58 -3.44
N GLU A 312 6.95 19.92 -4.63
CA GLU A 312 6.40 21.26 -4.90
C GLU A 312 5.14 21.49 -4.06
N VAL A 313 4.23 20.53 -4.04
CA VAL A 313 3.02 20.66 -3.23
C VAL A 313 3.36 20.68 -1.73
N THR A 314 4.35 19.89 -1.34
CA THR A 314 4.82 19.91 0.06
C THR A 314 5.24 21.32 0.50
N GLY A 315 5.91 22.07 -0.37
CA GLY A 315 6.31 23.44 -0.05
C GLY A 315 5.15 24.37 0.26
N GLU A 316 4.07 24.20 -0.48
CA GLU A 316 2.86 24.98 -0.29
C GLU A 316 2.20 24.64 1.09
N VAL A 317 2.22 23.36 1.43
CA VAL A 317 1.68 22.89 2.71
C VAL A 317 2.48 23.39 3.88
N VAL A 318 3.80 23.32 3.77
CA VAL A 318 4.69 23.85 4.81
C VAL A 318 4.42 25.34 5.10
N ARG A 319 4.20 26.15 4.06
CA ARG A 319 3.87 27.55 4.26
C ARG A 319 2.53 27.74 4.98
N ILE A 320 1.54 26.97 4.58
CA ILE A 320 0.22 27.01 5.22
C ILE A 320 0.38 26.67 6.68
N MET A 321 1.15 25.64 6.98
CA MET A 321 1.33 25.21 8.35
C MET A 321 2.07 26.25 9.20
N VAL A 322 3.21 26.72 8.71
CA VAL A 322 3.99 27.72 9.45
C VAL A 322 3.16 28.95 9.73
N SER A 323 2.45 29.43 8.72
CA SER A 323 1.60 30.60 8.85
C SER A 323 0.57 30.40 9.93
N GLY A 324 -0.09 29.24 9.93
CA GLY A 324 -1.15 28.95 10.89
C GLY A 324 -0.63 28.81 12.30
N LEU A 325 0.52 28.16 12.45
CA LEU A 325 1.14 27.97 13.75
C LEU A 325 1.63 29.32 14.33
N VAL A 326 2.08 30.22 13.46
CA VAL A 326 2.49 31.57 13.88
C VAL A 326 1.26 32.30 14.43
N LYS A 327 0.18 32.28 13.65
CA LYS A 327 -1.06 32.93 14.04
C LYS A 327 -1.61 32.43 15.40
N LEU A 328 -1.39 31.16 15.73
CA LEU A 328 -1.83 30.59 17.01
C LEU A 328 -0.82 30.72 18.16
N GLY A 329 0.39 31.21 17.87
CA GLY A 329 1.44 31.33 18.87
C GLY A 329 2.20 30.06 19.14
N ILE A 330 2.01 29.04 18.31
CA ILE A 330 2.74 27.78 18.48
C ILE A 330 4.17 27.94 17.98
N LEU A 331 4.33 28.69 16.89
CA LEU A 331 5.65 29.10 16.40
C LEU A 331 5.74 30.60 16.58
N LYS A 332 6.95 31.10 16.79
CA LYS A 332 7.14 32.55 16.91
C LYS A 332 8.22 33.02 15.95
N GLY A 333 7.93 34.10 15.25
CA GLY A 333 8.92 34.71 14.37
C GLY A 333 8.39 34.99 12.98
N ASP A 334 9.32 35.18 12.06
CA ASP A 334 9.00 35.54 10.69
C ASP A 334 8.77 34.26 9.90
N VAL A 335 7.63 34.19 9.22
CA VAL A 335 7.22 32.99 8.49
C VAL A 335 8.33 32.47 7.56
N ASP A 336 8.90 33.36 6.75
CA ASP A 336 9.88 32.91 5.77
C ASP A 336 11.15 32.39 6.43
N GLU A 337 11.59 33.04 7.50
CA GLU A 337 12.75 32.54 8.25
C GLU A 337 12.43 31.18 8.88
N LEU A 338 11.24 31.08 9.47
CA LEU A 338 10.75 29.82 10.05
C LEU A 338 10.71 28.68 9.03
N ILE A 339 10.19 28.96 7.84
CA ILE A 339 10.18 28.00 6.74
C ILE A 339 11.61 27.55 6.42
N ALA A 340 12.51 28.52 6.32
CA ALA A 340 13.90 28.24 5.98
C ALA A 340 14.59 27.38 7.04
N GLN A 341 14.18 27.49 8.30
CA GLN A 341 14.71 26.56 9.30
C GLN A 341 13.85 25.30 9.55
N ASN A 342 12.91 25.01 8.64
CA ASN A 342 12.02 23.85 8.79
C ASN A 342 11.44 23.79 10.20
N ALA A 343 10.94 24.93 10.67
CA ALA A 343 10.39 25.06 12.01
C ALA A 343 9.08 24.26 12.23
N HIS A 344 8.46 23.82 11.15
CA HIS A 344 7.23 23.00 11.23
C HIS A 344 7.51 21.57 11.67
N ARG A 345 8.77 21.15 11.62
CA ARG A 345 9.11 19.72 11.72
C ARG A 345 8.82 19.04 13.06
N PRO A 346 8.90 19.78 14.19
CA PRO A 346 8.40 19.18 15.43
C PRO A 346 6.93 18.80 15.43
N PHE A 347 6.14 19.41 14.54
CA PHE A 347 4.70 19.21 14.52
C PHE A 347 4.20 18.44 13.29
N PHE A 348 4.96 18.49 12.20
CA PHE A 348 4.66 17.73 10.99
C PHE A 348 5.94 17.04 10.52
N MET A 349 6.10 15.78 10.91
CA MET A 349 7.40 15.11 10.79
C MET A 349 7.42 13.95 9.79
N HIS A 350 6.44 13.91 8.90
CA HIS A 350 6.38 12.85 7.90
C HIS A 350 6.09 13.45 6.53
N GLY A 351 6.11 12.60 5.51
CA GLY A 351 5.87 13.03 4.14
C GLY A 351 4.39 13.31 3.91
N LEU A 352 4.11 14.20 2.95
CA LEU A 352 2.75 14.56 2.60
C LEU A 352 2.03 13.46 1.81
N SER A 353 2.79 12.74 0.99
CA SER A 353 2.24 11.80 0.03
C SER A 353 3.14 10.59 -0.21
N HIS A 354 2.52 9.43 -0.32
CA HIS A 354 3.20 8.24 -0.84
C HIS A 354 2.37 7.60 -1.94
N TRP A 355 3.04 6.87 -2.83
CA TRP A 355 2.37 6.05 -3.81
C TRP A 355 1.51 5.02 -3.12
N LEU A 356 0.48 4.59 -3.84
CA LEU A 356 -0.53 3.68 -3.33
C LEU A 356 -0.87 2.63 -4.39
N GLY A 357 -0.97 1.36 -3.98
CA GLY A 357 -1.27 0.29 -4.95
C GLY A 357 -1.40 -1.05 -4.27
N LEU A 358 -0.65 -2.06 -4.74
CA LEU A 358 -0.71 -3.40 -4.17
C LEU A 358 -0.04 -3.43 -2.79
N ASP A 359 0.80 -2.44 -2.55
CA ASP A 359 1.24 -2.09 -1.20
C ASP A 359 0.76 -0.68 -0.85
N VAL A 360 0.41 -0.50 0.42
CA VAL A 360 -0.05 0.81 0.89
C VAL A 360 1.05 1.86 0.74
N HIS A 361 2.30 1.48 1.01
CA HIS A 361 3.43 2.32 0.63
C HIS A 361 3.98 1.73 -0.66
N ASP A 362 3.43 2.17 -1.77
CA ASP A 362 3.60 1.45 -3.00
C ASP A 362 4.98 1.70 -3.62
N VAL A 363 5.37 0.76 -4.46
CA VAL A 363 6.63 0.80 -5.15
C VAL A 363 6.66 1.93 -6.17
N GLY A 364 7.86 2.28 -6.60
CA GLY A 364 8.04 3.34 -7.58
C GLY A 364 9.05 4.36 -7.11
N VAL A 365 9.84 4.86 -8.06
CA VAL A 365 10.88 5.86 -7.80
C VAL A 365 10.25 7.26 -7.58
N TYR A 366 10.61 7.87 -6.45
CA TYR A 366 10.06 9.17 -6.02
C TYR A 366 10.87 10.35 -6.55
N GLY A 367 12.12 10.07 -6.90
CA GLY A 367 13.09 11.12 -7.22
C GLY A 367 13.63 11.68 -5.92
N GLN A 368 14.72 12.43 -6.03
CA GLN A 368 15.29 13.10 -4.85
C GLN A 368 14.28 14.03 -4.18
N ASP A 369 14.08 13.86 -2.88
CA ASP A 369 13.12 14.65 -2.10
C ASP A 369 11.69 14.59 -2.66
N ARG A 370 11.36 13.47 -3.29
CA ARG A 370 10.05 13.26 -3.95
C ARG A 370 9.76 14.33 -4.98
N SER A 371 10.81 14.66 -5.75
CA SER A 371 10.72 15.68 -6.79
C SER A 371 10.23 15.15 -8.13
N ARG A 372 9.97 13.84 -8.26
CA ARG A 372 9.59 13.31 -9.58
C ARG A 372 8.33 14.01 -10.10
N ILE A 373 8.33 14.35 -11.39
CA ILE A 373 7.20 15.00 -12.00
C ILE A 373 6.05 14.02 -12.16
N LEU A 374 4.87 14.44 -11.71
CA LEU A 374 3.68 13.59 -11.77
C LEU A 374 3.11 13.47 -13.18
N GLU A 375 2.58 12.29 -13.45
CA GLU A 375 1.98 11.94 -14.71
C GLU A 375 0.66 11.18 -14.48
N PRO A 376 -0.24 11.23 -15.47
CA PRO A 376 -1.49 10.50 -15.29
C PRO A 376 -1.28 9.00 -15.03
N GLY A 377 -2.08 8.44 -14.12
CA GLY A 377 -2.03 7.02 -13.82
C GLY A 377 -1.33 6.73 -12.52
N MET A 378 -0.65 7.74 -11.98
CA MET A 378 -0.03 7.61 -10.67
C MET A 378 -1.09 7.79 -9.59
N VAL A 379 -0.98 6.98 -8.54
CA VAL A 379 -1.92 6.98 -7.43
C VAL A 379 -1.14 7.25 -6.16
N LEU A 380 -1.61 8.19 -5.36
CA LEU A 380 -0.91 8.61 -4.17
C LEU A 380 -1.84 9.10 -3.08
N THR A 381 -1.31 9.15 -1.86
CA THR A 381 -2.05 9.72 -0.75
C THR A 381 -1.72 11.18 -0.58
N VAL A 382 -2.60 11.87 0.15
CA VAL A 382 -2.38 13.26 0.56
C VAL A 382 -2.75 13.31 2.04
N GLU A 383 -1.76 13.47 2.90
CA GLU A 383 -1.96 13.32 4.34
C GLU A 383 -1.16 14.32 5.19
N PRO A 384 -1.57 15.60 5.14
CA PRO A 384 -1.00 16.51 6.08
C PRO A 384 -1.46 16.13 7.49
N GLY A 385 -0.66 16.52 8.48
CA GLY A 385 -1.01 16.35 9.87
C GLY A 385 -0.25 17.32 10.73
N LEU A 386 -0.78 17.55 11.94
CA LEU A 386 -0.10 18.29 12.98
C LEU A 386 -0.26 17.56 14.30
N TYR A 387 0.87 17.36 14.98
CA TYR A 387 0.94 16.59 16.22
C TYR A 387 1.65 17.45 17.26
N ILE A 388 0.90 17.87 18.26
CA ILE A 388 1.40 18.75 19.32
C ILE A 388 1.60 17.90 20.56
N ALA A 389 2.86 17.56 20.87
CA ALA A 389 3.18 16.71 22.02
C ALA A 389 2.59 17.23 23.33
N PRO A 390 2.18 16.30 24.23
CA PRO A 390 1.62 16.72 25.53
C PRO A 390 2.54 17.64 26.35
N ASP A 391 3.85 17.62 26.06
CA ASP A 391 4.84 18.43 26.75
C ASP A 391 5.48 19.46 25.82
N ALA A 392 4.86 19.76 24.68
CA ALA A 392 5.41 20.77 23.78
C ALA A 392 5.42 22.15 24.47
N GLU A 393 6.41 22.97 24.17
CA GLU A 393 6.48 24.34 24.72
C GLU A 393 5.64 25.25 23.84
N VAL A 394 4.33 25.18 24.04
CA VAL A 394 3.36 25.89 23.21
C VAL A 394 2.20 26.24 24.12
N PRO A 395 1.30 27.14 23.69
CA PRO A 395 0.14 27.43 24.52
C PRO A 395 -0.55 26.14 24.96
N GLU A 396 -0.87 26.07 26.26
CA GLU A 396 -1.29 24.83 26.94
C GLU A 396 -2.43 24.09 26.25
N GLN A 397 -3.35 24.85 25.66
CA GLN A 397 -4.59 24.32 25.13
C GLN A 397 -4.38 23.43 23.91
N TYR A 398 -3.21 23.52 23.29
CA TYR A 398 -2.88 22.70 22.09
C TYR A 398 -2.14 21.39 22.38
N ARG A 399 -1.62 21.25 23.60
CA ARG A 399 -0.84 20.08 23.95
C ARG A 399 -1.66 18.81 23.86
N GLY A 400 -1.08 17.76 23.30
CA GLY A 400 -1.78 16.48 23.18
C GLY A 400 -2.78 16.35 22.04
N ILE A 401 -2.80 17.32 21.13
CA ILE A 401 -3.66 17.26 19.95
C ILE A 401 -2.88 16.64 18.78
N GLY A 402 -3.40 15.54 18.26
CA GLY A 402 -2.86 14.90 17.05
C GLY A 402 -3.92 14.76 15.98
N ILE A 403 -3.68 15.42 14.85
CA ILE A 403 -4.65 15.50 13.75
C ILE A 403 -3.96 15.18 12.43
N ARG A 404 -4.57 14.25 11.69
CA ARG A 404 -4.19 13.94 10.32
C ARG A 404 -5.46 13.75 9.52
N ILE A 405 -5.41 14.18 8.26
CA ILE A 405 -6.51 13.97 7.34
C ILE A 405 -5.90 13.47 6.07
N GLU A 406 -6.33 12.31 5.62
CA GLU A 406 -5.68 11.62 4.52
C GLU A 406 -6.69 11.12 3.50
N ASP A 407 -6.48 11.51 2.23
CA ASP A 407 -7.25 11.04 1.10
C ASP A 407 -6.33 10.32 0.11
N ASP A 408 -6.94 9.54 -0.78
CA ASP A 408 -6.24 8.80 -1.82
C ASP A 408 -6.72 9.36 -3.16
N ILE A 409 -5.76 9.70 -4.02
CA ILE A 409 -6.06 10.33 -5.31
C ILE A 409 -5.36 9.63 -6.45
N VAL A 410 -5.90 9.83 -7.65
CA VAL A 410 -5.27 9.38 -8.89
C VAL A 410 -5.04 10.61 -9.76
N ILE A 411 -3.81 10.74 -10.27
CA ILE A 411 -3.48 11.83 -11.21
C ILE A 411 -4.15 11.52 -12.54
N THR A 412 -4.86 12.50 -13.09
CA THR A 412 -5.54 12.39 -14.37
C THR A 412 -4.95 13.38 -15.34
N GLU A 413 -5.43 13.40 -16.59
CA GLU A 413 -4.89 14.34 -17.57
C GLU A 413 -5.15 15.77 -17.15
N THR A 414 -6.22 15.99 -16.39
CA THR A 414 -6.68 17.34 -16.07
C THR A 414 -6.49 17.75 -14.59
N GLY A 415 -5.87 16.90 -13.79
CA GLY A 415 -5.67 17.19 -12.37
C GLY A 415 -5.60 15.91 -11.57
N ASN A 416 -6.57 15.71 -10.68
CA ASN A 416 -6.66 14.47 -9.92
C ASN A 416 -8.10 14.11 -9.64
N GLU A 417 -8.37 12.84 -9.42
CA GLU A 417 -9.66 12.38 -8.91
C GLU A 417 -9.44 11.90 -7.49
N ASN A 418 -10.28 12.37 -6.58
CA ASN A 418 -10.21 11.98 -5.18
C ASN A 418 -11.04 10.72 -4.99
N LEU A 419 -10.39 9.62 -4.64
CA LEU A 419 -11.08 8.33 -4.48
C LEU A 419 -11.77 8.18 -3.14
N THR A 420 -11.54 9.11 -2.22
CA THR A 420 -12.01 8.93 -0.87
C THR A 420 -12.79 10.10 -0.32
N ALA A 421 -13.28 10.97 -1.20
CA ALA A 421 -14.01 12.16 -0.76
C ALA A 421 -15.45 11.87 -0.28
N SER A 422 -15.90 10.62 -0.40
CA SER A 422 -17.22 10.21 0.09
C SER A 422 -17.29 10.05 1.62
N VAL A 423 -16.17 10.21 2.33
CA VAL A 423 -16.23 10.38 3.79
C VAL A 423 -15.86 11.83 4.11
N VAL A 424 -16.69 12.49 4.91
CA VAL A 424 -16.59 13.93 5.16
C VAL A 424 -15.32 14.33 5.88
N LYS A 425 -14.88 15.56 5.67
CA LYS A 425 -13.70 16.08 6.38
C LYS A 425 -13.83 17.55 6.83
N LYS A 426 -14.72 18.32 6.21
CA LYS A 426 -15.05 19.66 6.72
C LYS A 426 -15.62 19.51 8.14
N PRO A 427 -15.13 20.34 9.07
CA PRO A 427 -15.50 20.16 10.47
C PRO A 427 -16.99 20.30 10.74
N GLU A 428 -17.64 21.22 10.07
CA GLU A 428 -19.08 21.35 10.19
C GLU A 428 -19.83 20.11 9.67
N GLU A 429 -19.30 19.45 8.63
CA GLU A 429 -19.93 18.25 8.08
C GLU A 429 -19.66 17.04 8.98
N ILE A 430 -18.49 16.99 9.59
CA ILE A 430 -18.24 15.98 10.64
C ILE A 430 -19.20 16.14 11.83
N GLU A 431 -19.31 17.35 12.36
CA GLU A 431 -20.21 17.60 13.48
C GLU A 431 -21.66 17.25 13.11
N ALA A 432 -22.10 17.63 11.92
CA ALA A 432 -23.47 17.31 11.49
C ALA A 432 -23.73 15.81 11.44
N LEU A 433 -22.79 15.04 10.88
CA LEU A 433 -22.88 13.60 10.78
C LEU A 433 -22.99 12.96 12.16
N MET A 434 -22.15 13.43 13.07
CA MET A 434 -22.10 12.86 14.42
C MET A 434 -23.34 13.23 15.25
N VAL A 435 -23.77 14.48 15.15
CA VAL A 435 -25.05 14.93 15.77
C VAL A 435 -26.23 14.07 15.33
N ALA A 436 -26.32 13.79 14.03
CA ALA A 436 -27.39 12.98 13.49
C ALA A 436 -27.36 11.55 14.04
N ALA A 437 -26.17 10.95 14.09
CA ALA A 437 -26.04 9.59 14.61
C ALA A 437 -26.31 9.55 16.12
N ARG A 438 -25.90 10.61 16.83
CA ARG A 438 -26.04 10.68 18.31
C ARG A 438 -27.49 10.85 18.75
N LYS A 439 -28.33 11.40 17.88
CA LYS A 439 -29.79 11.45 18.08
C LYS A 439 -30.46 10.10 17.78
N GLN A 440 -29.66 9.16 17.26
CA GLN A 440 -30.06 7.83 16.77
C GLN A 440 -30.52 7.83 15.31
MG MG B . -0.67 6.96 4.14
MG MG C . -2.76 6.26 6.55
CL CL D . 4.42 -29.98 -5.04
CL CL E . 7.26 9.67 5.58
O1 XPE F . 0.88 1.63 9.10
C2 XPE F . 1.86 0.67 8.68
C3 XPE F . 2.37 1.01 7.27
O4 XPE F . 3.75 0.60 7.05
C5 XPE F . 4.77 1.02 8.01
C6 XPE F . 6.11 1.63 7.46
O7 XPE F . 6.06 3.08 7.67
C8 XPE F . 7.22 3.90 7.45
C9 XPE F . 6.74 5.25 6.91
O10 XPE F . 6.73 5.17 5.46
C11 XPE F . 6.00 6.24 4.87
C12 XPE F . 5.94 6.08 3.35
O13 XPE F . 7.23 6.16 2.74
C14 XPE F . 7.10 6.75 1.46
C15 XPE F . 8.41 7.35 1.01
O16 XPE F . 9.27 6.23 0.95
C17 XPE F . 10.56 6.62 0.45
C18 XPE F . 11.39 5.36 0.50
O19 XPE F . 11.52 5.00 1.88
C20 XPE F . 12.37 3.90 2.03
C21 XPE F . 12.20 3.45 3.45
O22 XPE F . 13.09 4.20 4.30
C23 XPE F . 12.94 3.71 5.65
C24 XPE F . 12.19 4.75 6.44
O25 XPE F . 11.07 4.14 7.14
C26 XPE F . 10.27 5.17 7.78
C27 XPE F . 11.12 6.20 8.54
O28 XPE F . 10.36 6.77 9.59
C29 XPE F . 10.79 6.27 10.88
C30 XPE F . 12.07 6.97 11.33
O31 XPE F . 12.59 6.30 12.49
C1 IPA G . 2.95 8.69 6.91
C2 IPA G . 2.31 8.00 8.10
C3 IPA G . 1.62 9.01 9.01
O2 IPA G . 1.37 7.01 7.70
C1 IPA H . 25.66 -13.04 -11.89
C2 IPA H . 25.18 -14.45 -11.68
C3 IPA H . 24.53 -14.99 -12.95
O2 IPA H . 26.24 -15.31 -11.33
#